data_6V3Y
#
_entry.id   6V3Y
#
_cell.length_a   57.775
_cell.length_b   85.296
_cell.length_c   91.106
_cell.angle_alpha   90.000
_cell.angle_beta   90.000
_cell.angle_gamma   90.000
#
_symmetry.space_group_name_H-M   'P 21 21 21'
#
loop_
_entity.id
_entity.type
_entity.pdbx_description
1 polymer 'Polycomb protein EED'
2 polymer 'PALI1 peptide'
3 water water
#
loop_
_entity_poly.entity_id
_entity_poly.type
_entity_poly.pdbx_seq_one_letter_code
_entity_poly.pdbx_strand_id
1 'polypeptide(L)'
;SFKCVNSLKEDHNQPLFGVQFNWHSKEGDPLVFATVGSNRVTLYECHSQGEIRLLQSYVDADADENFYTCAWTYDSNTSH
PLLAVAGSRGIIRIINPITMQCIKHYVGHGNAINELKFHPRDPNLLLSVSKDHALRLWNIQTDTLVAIFGGVEGHRDEVL
SADYDLLGEKIMSCGMDHSLKLWRINSKRMMNAIKESYDYNPNKTNRPFISQKIHFPDFSTRDIHRNYVDCVRWLGDLIL
SKSCENAIVCWKPGKMEDDIDKIKPSESNVTILGRFDYSQCDIWYMRFSMDFWQKMLALGNQVGKLYVWDLEVEDPHKAK
CTTLTHHKCGAAIRQTSFSRDSSILIAVCDDASIWRWDR
;
A
2 'polypeptide(L)' LQ(M3L)YA B
#
# COMPACT_ATOMS: atom_id res chain seq x y z
N SER A 1 -22.17 -9.04 -11.24
CA SER A 1 -21.68 -9.58 -9.97
C SER A 1 -20.49 -10.52 -10.18
N PHE A 2 -19.72 -10.73 -9.12
CA PHE A 2 -18.46 -11.45 -9.22
C PHE A 2 -18.68 -12.95 -9.09
N LYS A 3 -17.98 -13.71 -9.94
CA LYS A 3 -17.97 -15.17 -9.87
C LYS A 3 -16.55 -15.67 -9.87
N CYS A 4 -16.29 -16.71 -9.07
CA CYS A 4 -14.95 -17.29 -9.00
C CYS A 4 -14.69 -18.14 -10.23
N VAL A 5 -13.69 -17.76 -11.01
CA VAL A 5 -13.45 -18.46 -12.28
C VAL A 5 -12.18 -19.31 -12.25
N ASN A 6 -11.29 -19.12 -11.28
CA ASN A 6 -10.06 -19.90 -11.26
C ASN A 6 -9.33 -19.67 -9.95
N SER A 7 -8.42 -20.59 -9.64
CA SER A 7 -7.51 -20.45 -8.52
C SER A 7 -6.25 -21.24 -8.81
N LEU A 8 -5.17 -20.86 -8.14
CA LEU A 8 -3.94 -21.64 -8.23
C LEU A 8 -3.15 -21.41 -6.96
N LYS A 9 -2.08 -22.18 -6.80
CA LYS A 9 -1.23 -22.09 -5.63
C LYS A 9 0.23 -22.02 -6.07
N GLU A 10 1.00 -21.14 -5.43
CA GLU A 10 2.43 -21.04 -5.73
C GLU A 10 3.22 -22.10 -4.98
N ASP A 11 4.35 -22.50 -5.59
CA ASP A 11 5.05 -23.70 -5.15
C ASP A 11 5.77 -23.54 -3.82
N HIS A 12 5.92 -22.32 -3.31
CA HIS A 12 6.67 -22.14 -2.07
C HIS A 12 5.82 -22.39 -0.82
N ASN A 13 4.49 -22.41 -0.95
CA ASN A 13 3.57 -22.71 0.14
C ASN A 13 3.68 -21.73 1.31
N GLN A 14 4.23 -20.53 1.08
CA GLN A 14 4.31 -19.49 2.10
C GLN A 14 3.23 -18.45 1.85
N PRO A 15 2.94 -17.60 2.83
CA PRO A 15 1.89 -16.59 2.61
C PRO A 15 2.23 -15.66 1.46
N LEU A 16 1.20 -15.35 0.67
CA LEU A 16 1.26 -14.24 -0.28
C LEU A 16 0.76 -13.02 0.47
N PHE A 17 1.66 -12.08 0.71
CA PHE A 17 1.31 -10.90 1.51
C PHE A 17 0.81 -9.75 0.67
N GLY A 18 1.04 -9.77 -0.64
CA GLY A 18 0.65 -8.64 -1.46
C GLY A 18 0.24 -9.07 -2.86
N VAL A 19 -0.68 -8.29 -3.45
CA VAL A 19 -1.05 -8.47 -4.85
C VAL A 19 -1.42 -7.09 -5.41
N GLN A 20 -0.96 -6.82 -6.64
CA GLN A 20 -1.26 -5.55 -7.33
C GLN A 20 -1.41 -5.79 -8.82
N PHE A 21 -2.56 -5.42 -9.37
CA PHE A 21 -2.65 -5.27 -10.82
C PHE A 21 -1.80 -4.09 -11.27
N ASN A 22 -1.25 -4.20 -12.48
CA ASN A 22 -0.56 -3.08 -13.12
C ASN A 22 -1.59 -2.19 -13.80
N TRP A 23 -1.92 -1.05 -13.16
CA TRP A 23 -2.88 -0.12 -13.76
C TRP A 23 -2.25 0.75 -14.82
N HIS A 24 -0.96 0.60 -15.07
CA HIS A 24 -0.27 1.27 -16.16
C HIS A 24 -0.08 0.37 -17.37
N SER A 25 -0.81 -0.76 -17.45
CA SER A 25 -0.67 -1.65 -18.60
C SER A 25 -1.24 -1.01 -19.85
N LYS A 26 -0.65 -1.34 -21.00
CA LYS A 26 -0.92 -0.62 -22.24
C LYS A 26 -2.23 -1.07 -22.86
N GLU A 27 -2.80 -0.17 -23.67
CA GLU A 27 -4.04 -0.48 -24.37
C GLU A 27 -3.85 -1.65 -25.31
N GLY A 28 -4.73 -2.64 -25.22
CA GLY A 28 -4.61 -3.84 -26.01
C GLY A 28 -3.70 -4.90 -25.42
N ASP A 29 -3.00 -4.58 -24.34
CA ASP A 29 -2.26 -5.68 -23.72
C ASP A 29 -3.12 -6.36 -22.66
N PRO A 30 -2.88 -7.63 -22.38
CA PRO A 30 -3.66 -8.32 -21.34
C PRO A 30 -3.40 -7.73 -19.97
N LEU A 31 -4.35 -7.96 -19.06
CA LEU A 31 -4.19 -7.50 -17.70
C LEU A 31 -3.17 -8.35 -16.97
N VAL A 32 -2.30 -7.68 -16.21
CA VAL A 32 -1.18 -8.33 -15.52
C VAL A 32 -1.24 -7.94 -14.05
N PHE A 33 -0.94 -8.89 -13.18
CA PHE A 33 -0.81 -8.59 -11.76
C PHE A 33 0.44 -9.26 -11.19
N ALA A 34 0.94 -8.67 -10.12
CA ALA A 34 2.08 -9.19 -9.38
C ALA A 34 1.62 -9.73 -8.03
N THR A 35 2.27 -10.80 -7.58
CA THR A 35 2.11 -11.33 -6.23
C THR A 35 3.46 -11.31 -5.54
N VAL A 36 3.46 -11.09 -4.21
CA VAL A 36 4.70 -11.15 -3.43
C VAL A 36 4.52 -12.08 -2.24
N GLY A 37 5.52 -12.90 -2.00
CA GLY A 37 5.51 -13.83 -0.87
C GLY A 37 6.78 -14.66 -0.94
N SER A 38 7.08 -15.32 0.18
CA SER A 38 8.39 -15.96 0.31
C SER A 38 9.44 -14.92 -0.06
N ASN A 39 10.49 -15.32 -0.78
CA ASN A 39 11.49 -14.36 -1.26
C ASN A 39 11.31 -14.05 -2.74
N ARG A 40 10.08 -13.97 -3.23
CA ARG A 40 9.92 -13.79 -4.67
C ARG A 40 8.77 -12.82 -4.98
N VAL A 41 8.80 -12.32 -6.21
CA VAL A 41 7.67 -11.63 -6.81
C VAL A 41 7.38 -12.33 -8.13
N THR A 42 6.10 -12.52 -8.44
CA THR A 42 5.69 -13.29 -9.61
C THR A 42 4.67 -12.49 -10.40
N LEU A 43 4.78 -12.49 -11.72
CA LEU A 43 3.78 -11.85 -12.57
C LEU A 43 2.91 -12.90 -13.26
N TYR A 44 1.63 -12.56 -13.41
CA TYR A 44 0.64 -13.37 -14.10
C TYR A 44 -0.16 -12.51 -15.05
N GLU A 45 -0.64 -13.13 -16.12
CA GLU A 45 -1.51 -12.49 -17.10
C GLU A 45 -2.89 -13.11 -17.04
N CYS A 46 -3.93 -12.28 -17.03
CA CYS A 46 -5.30 -12.77 -17.04
C CYS A 46 -5.79 -12.97 -18.47
N HIS A 47 -6.33 -14.15 -18.74
CA HIS A 47 -6.84 -14.48 -20.06
C HIS A 47 -8.24 -15.05 -19.95
N SER A 48 -8.82 -15.35 -21.12
CA SER A 48 -10.20 -15.78 -21.17
C SER A 48 -10.37 -17.16 -20.55
N GLN A 49 -11.63 -17.51 -20.26
CA GLN A 49 -11.98 -18.76 -19.59
C GLN A 49 -11.29 -18.87 -18.24
N GLY A 50 -11.04 -17.74 -17.59
CA GLY A 50 -10.45 -17.73 -16.27
C GLY A 50 -8.96 -18.03 -16.21
N GLU A 51 -8.29 -18.15 -17.35
CA GLU A 51 -6.89 -18.56 -17.33
C GLU A 51 -6.03 -17.53 -16.61
N ILE A 52 -5.16 -18.01 -15.71
CA ILE A 52 -4.15 -17.19 -15.04
C ILE A 52 -2.80 -17.70 -15.53
N ARG A 53 -2.20 -16.98 -16.47
CA ARG A 53 -1.00 -17.45 -17.16
C ARG A 53 0.26 -17.00 -16.43
N LEU A 54 1.08 -17.97 -16.01
CA LEU A 54 2.31 -17.68 -15.29
C LEU A 54 3.37 -17.12 -16.23
N LEU A 55 4.00 -16.01 -15.84
CA LEU A 55 5.04 -15.41 -16.66
C LEU A 55 6.41 -15.71 -16.08
N GLN A 56 6.89 -14.89 -15.16
CA GLN A 56 8.26 -15.01 -14.69
C GLN A 56 8.35 -14.37 -13.31
N SER A 57 9.22 -14.92 -12.46
CA SER A 57 9.48 -14.38 -11.13
C SER A 57 10.85 -13.73 -11.03
N TYR A 58 10.96 -12.85 -10.04
CA TYR A 58 12.24 -12.44 -9.47
C TYR A 58 12.36 -13.12 -8.11
N VAL A 59 13.49 -13.81 -7.90
CA VAL A 59 13.77 -14.49 -6.64
C VAL A 59 15.01 -13.85 -6.04
N ASP A 60 14.89 -13.38 -4.80
CA ASP A 60 16.00 -12.72 -4.13
C ASP A 60 17.14 -13.70 -3.88
N ALA A 61 18.37 -13.23 -4.03
CA ALA A 61 19.53 -14.06 -3.73
C ALA A 61 19.56 -14.51 -2.27
N ASP A 62 18.96 -13.73 -1.38
CA ASP A 62 18.90 -14.07 0.04
C ASP A 62 17.69 -14.96 0.29
N ALA A 63 17.93 -16.22 0.63
CA ALA A 63 16.80 -17.11 0.90
C ALA A 63 15.99 -16.66 2.12
N ASP A 64 16.57 -15.80 2.96
CA ASP A 64 15.92 -15.31 4.18
C ASP A 64 15.15 -14.02 3.97
N GLU A 65 15.23 -13.41 2.78
CA GLU A 65 14.33 -12.29 2.48
C GLU A 65 12.89 -12.79 2.44
N ASN A 66 11.97 -11.91 2.84
CA ASN A 66 10.55 -12.18 2.74
C ASN A 66 9.91 -10.90 2.21
N PHE A 67 9.46 -10.92 0.96
CA PHE A 67 8.83 -9.73 0.40
C PHE A 67 7.41 -9.61 0.95
N TYR A 68 7.07 -8.38 1.34
CA TYR A 68 5.77 -8.09 1.95
C TYR A 68 4.85 -7.29 1.05
N THR A 69 5.41 -6.45 0.18
CA THR A 69 4.63 -5.41 -0.47
C THR A 69 5.21 -5.16 -1.86
N CYS A 70 4.36 -4.73 -2.77
CA CYS A 70 4.84 -4.26 -4.06
C CYS A 70 3.97 -3.10 -4.54
N ALA A 71 4.50 -2.35 -5.51
CA ALA A 71 3.76 -1.23 -6.07
C ALA A 71 4.24 -0.95 -7.48
N TRP A 72 3.32 -0.66 -8.38
CA TRP A 72 3.67 -0.39 -9.77
C TRP A 72 3.87 1.10 -10.02
N THR A 73 4.81 1.40 -10.92
CA THR A 73 4.92 2.73 -11.50
C THR A 73 5.35 2.57 -12.94
N TYR A 74 5.85 3.63 -13.54
CA TYR A 74 6.44 3.52 -14.87
C TYR A 74 7.65 4.43 -14.93
N ASP A 75 8.53 4.13 -15.88
CA ASP A 75 9.68 4.99 -16.12
C ASP A 75 9.20 6.28 -16.79
N SER A 76 9.53 7.42 -16.19
CA SER A 76 8.97 8.68 -16.64
C SER A 76 9.48 9.11 -18.01
N ASN A 77 10.60 8.54 -18.46
CA ASN A 77 11.12 8.88 -19.77
C ASN A 77 10.67 7.92 -20.86
N THR A 78 10.59 6.62 -20.57
CA THR A 78 10.30 5.62 -21.59
C THR A 78 8.87 5.10 -21.59
N SER A 79 8.12 5.30 -20.50
CA SER A 79 6.75 4.85 -20.24
C SER A 79 6.67 3.37 -19.87
N HIS A 80 7.79 2.65 -19.87
CA HIS A 80 7.71 1.24 -19.55
C HIS A 80 7.39 1.06 -18.07
N PRO A 81 6.49 0.14 -17.73
CA PRO A 81 6.17 -0.08 -16.32
C PRO A 81 7.37 -0.58 -15.54
N LEU A 82 7.37 -0.25 -14.25
CA LEU A 82 8.36 -0.69 -13.28
C LEU A 82 7.61 -1.22 -12.07
N LEU A 83 8.26 -2.11 -11.32
CA LEU A 83 7.65 -2.72 -10.14
C LEU A 83 8.61 -2.57 -8.98
N ALA A 84 8.15 -1.96 -7.89
CA ALA A 84 8.93 -1.86 -6.66
C ALA A 84 8.46 -2.92 -5.69
N VAL A 85 9.42 -3.57 -5.01
CA VAL A 85 9.11 -4.62 -4.04
C VAL A 85 9.98 -4.41 -2.81
N ALA A 86 9.45 -4.81 -1.65
CA ALA A 86 10.23 -4.71 -0.42
C ALA A 86 9.62 -5.62 0.65
N GLY A 87 10.40 -5.89 1.69
CA GLY A 87 9.91 -6.67 2.80
C GLY A 87 10.86 -6.70 4.00
N SER A 88 11.12 -7.90 4.53
CA SER A 88 11.76 -8.01 5.84
C SER A 88 13.19 -7.46 5.85
N ARG A 89 13.92 -7.54 4.74
CA ARG A 89 15.30 -7.04 4.74
C ARG A 89 15.37 -5.52 4.74
N GLY A 90 14.27 -4.82 4.48
CA GLY A 90 14.30 -3.38 4.40
C GLY A 90 15.03 -2.82 3.20
N ILE A 91 15.08 -3.59 2.11
CA ILE A 91 15.69 -3.17 0.84
C ILE A 91 14.58 -3.01 -0.18
N ILE A 92 14.51 -1.85 -0.81
CA ILE A 92 13.57 -1.64 -1.91
C ILE A 92 14.25 -2.05 -3.20
N ARG A 93 13.61 -2.94 -3.96
CA ARG A 93 14.14 -3.31 -5.26
C ARG A 93 13.22 -2.76 -6.34
N ILE A 94 13.81 -2.13 -7.36
CA ILE A 94 13.08 -1.69 -8.55
C ILE A 94 13.31 -2.73 -9.64
N ILE A 95 12.22 -3.36 -10.08
CA ILE A 95 12.27 -4.52 -10.98
C ILE A 95 11.74 -4.10 -12.34
N ASN A 96 12.45 -4.51 -13.40
CA ASN A 96 11.96 -4.42 -14.76
C ASN A 96 11.02 -5.59 -14.98
N PRO A 97 9.71 -5.37 -15.13
CA PRO A 97 8.79 -6.51 -15.14
C PRO A 97 8.86 -7.34 -16.40
N ILE A 98 9.44 -6.79 -17.47
CA ILE A 98 9.57 -7.57 -18.70
C ILE A 98 10.53 -8.71 -18.49
N THR A 99 11.74 -8.40 -18.02
CA THR A 99 12.82 -9.35 -17.85
C THR A 99 12.97 -9.83 -16.42
N MET A 100 12.29 -9.19 -15.46
CA MET A 100 12.40 -9.41 -14.02
C MET A 100 13.81 -9.15 -13.51
N GLN A 101 14.59 -8.35 -14.23
CA GLN A 101 15.86 -7.87 -13.73
C GLN A 101 15.65 -6.85 -12.63
N CYS A 102 16.50 -6.89 -11.61
CA CYS A 102 16.51 -5.83 -10.62
C CYS A 102 17.39 -4.70 -11.18
N ILE A 103 16.77 -3.56 -11.44
CA ILE A 103 17.47 -2.43 -12.06
C ILE A 103 18.34 -1.72 -11.03
N LYS A 104 17.82 -1.55 -9.82
CA LYS A 104 18.54 -0.86 -8.75
C LYS A 104 17.81 -1.13 -7.44
N HIS A 105 18.47 -0.78 -6.34
CA HIS A 105 17.86 -0.98 -5.04
C HIS A 105 18.24 0.16 -4.10
N TYR A 106 17.44 0.30 -3.05
CA TYR A 106 17.58 1.36 -2.06
C TYR A 106 17.63 0.76 -0.67
N VAL A 107 18.58 1.22 0.12
CA VAL A 107 18.70 0.83 1.53
C VAL A 107 18.60 2.10 2.36
N GLY A 108 18.01 1.99 3.54
N GLY A 108 18.01 1.98 3.54
N GLY A 108 17.84 2.01 3.44
CA GLY A 108 18.02 3.11 4.45
CA GLY A 108 18.02 3.10 4.46
CA GLY A 108 17.73 3.07 4.41
C GLY A 108 17.23 2.83 5.71
C GLY A 108 17.29 2.77 5.73
C GLY A 108 18.56 2.72 5.62
N HIS A 109 16.05 2.23 5.53
N HIS A 109 16.10 2.16 5.58
N HIS A 109 17.93 2.21 6.67
CA HIS A 109 15.24 1.83 6.67
CA HIS A 109 15.28 1.84 6.73
CA HIS A 109 18.66 1.59 7.77
C HIS A 109 15.99 0.83 7.55
C HIS A 109 16.04 0.94 7.69
C HIS A 109 18.54 0.06 7.77
N GLY A 110 16.79 -0.03 6.94
N GLY A 110 15.83 1.17 8.99
N GLY A 110 17.67 -0.50 6.93
CA GLY A 110 17.46 -1.08 7.68
CA GLY A 110 16.45 0.36 10.01
CA GLY A 110 17.63 -1.94 6.74
C GLY A 110 16.52 -2.20 8.05
C GLY A 110 15.89 -1.04 10.12
C GLY A 110 16.69 -2.71 7.64
N ASN A 111 15.49 -1.88 8.83
N ASN A 111 14.73 -1.30 9.51
N ASN A 111 15.61 -2.09 8.11
CA ASN A 111 14.49 -2.86 9.24
CA ASN A 111 14.14 -2.61 9.60
CA ASN A 111 14.58 -2.72 8.92
C ASN A 111 13.42 -3.01 8.18
C ASN A 111 13.22 -2.82 8.40
C ASN A 111 13.33 -2.95 8.08
N ALA A 112 12.48 -3.91 8.46
CA ALA A 112 11.45 -4.33 7.50
C ALA A 112 10.61 -3.19 6.95
N ILE A 113 10.26 -3.29 5.67
CA ILE A 113 9.36 -2.34 5.02
C ILE A 113 8.00 -3.01 4.91
N ASN A 114 6.97 -2.35 5.45
CA ASN A 114 5.63 -2.91 5.51
C ASN A 114 4.73 -2.46 4.37
N GLU A 115 5.03 -1.34 3.72
CA GLU A 115 4.22 -0.94 2.58
C GLU A 115 5.00 0.03 1.71
N LEU A 116 4.72 -0.04 0.40
CA LEU A 116 5.22 0.88 -0.61
C LEU A 116 4.04 1.53 -1.32
N LYS A 117 4.14 2.83 -1.60
CA LYS A 117 3.11 3.53 -2.37
C LYS A 117 3.75 4.54 -3.29
N PHE A 118 3.29 4.63 -4.53
CA PHE A 118 3.75 5.68 -5.42
C PHE A 118 2.79 6.88 -5.41
N HIS A 119 3.39 8.05 -5.56
CA HIS A 119 2.66 9.31 -5.63
C HIS A 119 1.66 9.30 -6.78
N PRO A 120 0.45 9.83 -6.60
CA PRO A 120 -0.57 9.72 -7.65
C PRO A 120 -0.32 10.58 -8.86
N ARG A 121 0.52 11.61 -8.77
CA ARG A 121 0.79 12.44 -9.92
C ARG A 121 2.23 12.40 -10.39
N ASP A 122 3.15 11.87 -9.57
CA ASP A 122 4.56 11.80 -9.95
C ASP A 122 5.05 10.36 -9.85
N PRO A 123 5.30 9.68 -10.97
CA PRO A 123 5.68 8.27 -10.91
C PRO A 123 7.03 8.02 -10.26
N ASN A 124 7.82 9.05 -10.01
CA ASN A 124 9.14 8.87 -9.43
C ASN A 124 9.15 8.96 -7.91
N LEU A 125 8.05 9.35 -7.28
CA LEU A 125 8.06 9.58 -5.83
C LEU A 125 7.48 8.37 -5.13
N LEU A 126 8.35 7.65 -4.43
CA LEU A 126 8.02 6.39 -3.79
C LEU A 126 8.05 6.58 -2.27
N LEU A 127 6.96 6.20 -1.62
CA LEU A 127 6.84 6.26 -0.16
C LEU A 127 7.02 4.85 0.41
N SER A 128 7.87 4.70 1.41
CA SER A 128 8.02 3.43 2.11
C SER A 128 7.72 3.64 3.58
N VAL A 129 7.11 2.65 4.22
CA VAL A 129 6.82 2.74 5.66
C VAL A 129 7.43 1.53 6.33
N SER A 130 8.00 1.73 7.53
CA SER A 130 8.90 0.70 8.03
C SER A 130 8.65 0.35 9.48
N LYS A 131 9.07 -0.87 9.81
CA LYS A 131 9.15 -1.36 11.18
C LYS A 131 10.04 -0.50 12.06
N ASP A 132 10.91 0.34 11.48
CA ASP A 132 11.77 1.22 12.26
C ASP A 132 11.07 2.50 12.72
N HIS A 133 9.75 2.58 12.55
CA HIS A 133 8.84 3.63 13.02
C HIS A 133 8.79 4.85 12.09
N ALA A 134 9.48 4.84 10.96
CA ALA A 134 9.55 6.00 10.07
C ALA A 134 8.93 5.71 8.71
N LEU A 135 8.55 6.78 8.03
CA LEU A 135 8.29 6.76 6.59
C LEU A 135 9.43 7.45 5.86
N ARG A 136 9.68 7.01 4.63
CA ARG A 136 10.71 7.62 3.80
C ARG A 136 10.13 7.89 2.42
N LEU A 137 10.46 9.06 1.87
CA LEU A 137 10.04 9.45 0.53
C LEU A 137 11.28 9.44 -0.35
N TRP A 138 11.24 8.67 -1.43
CA TRP A 138 12.36 8.49 -2.35
C TRP A 138 12.03 9.08 -3.71
N ASN A 139 13.05 9.57 -4.40
CA ASN A 139 12.92 9.99 -5.80
C ASN A 139 13.69 8.95 -6.62
N ILE A 140 12.96 8.10 -7.34
CA ILE A 140 13.63 6.98 -8.01
C ILE A 140 14.07 7.39 -9.41
N GLN A 141 13.98 8.68 -9.73
CA GLN A 141 14.62 9.18 -10.95
C GLN A 141 16.06 9.57 -10.68
N THR A 142 16.31 10.27 -9.59
CA THR A 142 17.66 10.70 -9.21
C THR A 142 18.25 9.87 -8.09
N ASP A 143 17.54 8.83 -7.62
CA ASP A 143 18.03 7.90 -6.59
C ASP A 143 18.37 8.63 -5.30
N THR A 144 17.46 9.51 -4.87
CA THR A 144 17.65 10.33 -3.69
C THR A 144 16.60 10.04 -2.63
N LEU A 145 17.03 10.13 -1.37
CA LEU A 145 16.12 10.13 -0.24
C LEU A 145 15.65 11.56 0.01
N VAL A 146 14.38 11.84 -0.26
CA VAL A 146 13.89 13.21 -0.16
C VAL A 146 13.62 13.62 1.28
N ALA A 147 13.01 12.73 2.06
CA ALA A 147 12.58 13.06 3.41
C ALA A 147 12.39 11.80 4.23
N ILE A 148 12.61 11.94 5.54
CA ILE A 148 12.28 10.93 6.53
C ILE A 148 11.24 11.53 7.46
N PHE A 149 10.13 10.81 7.68
CA PHE A 149 9.04 11.25 8.55
C PHE A 149 9.09 10.42 9.81
N GLY A 150 9.47 11.03 10.91
CA GLY A 150 9.72 10.30 12.14
C GLY A 150 9.77 11.18 13.38
N GLY A 151 10.74 10.95 14.25
CA GLY A 151 10.85 11.70 15.48
C GLY A 151 9.96 11.14 16.58
N VAL A 152 10.13 11.67 17.79
CA VAL A 152 9.32 11.15 18.89
C VAL A 152 7.86 11.55 18.77
N GLU A 153 7.55 12.61 18.02
CA GLU A 153 6.15 12.92 17.72
C GLU A 153 5.65 12.22 16.49
N GLY A 154 6.53 11.50 15.77
CA GLY A 154 6.10 10.57 14.75
C GLY A 154 5.62 9.28 15.38
N HIS A 155 5.55 8.22 14.57
CA HIS A 155 5.09 6.96 15.12
C HIS A 155 6.08 6.42 16.14
N ARG A 156 5.53 5.74 17.16
CA ARG A 156 6.34 5.20 18.25
C ARG A 156 6.41 3.67 18.20
N ASP A 157 5.97 3.07 17.11
CA ASP A 157 6.04 1.64 16.87
C ASP A 157 5.98 1.48 15.35
N GLU A 158 5.97 0.23 14.88
CA GLU A 158 6.01 -0.03 13.44
C GLU A 158 4.96 0.77 12.70
N VAL A 159 5.33 1.35 11.57
CA VAL A 159 4.37 1.91 10.63
C VAL A 159 3.92 0.79 9.71
N LEU A 160 2.60 0.60 9.59
CA LEU A 160 2.07 -0.52 8.84
C LEU A 160 1.51 -0.13 7.48
N SER A 161 1.02 1.09 7.32
CA SER A 161 0.43 1.47 6.05
C SER A 161 0.50 2.98 5.91
N ALA A 162 0.33 3.46 4.68
CA ALA A 162 0.16 4.89 4.45
C ALA A 162 -0.50 5.08 3.09
N ASP A 163 -0.99 6.29 2.86
CA ASP A 163 -1.67 6.58 1.59
C ASP A 163 -1.55 8.06 1.28
N TYR A 164 -1.27 8.36 0.02
CA TYR A 164 -1.35 9.73 -0.48
C TYR A 164 -2.79 10.11 -0.75
N ASP A 165 -3.12 11.39 -0.55
CA ASP A 165 -4.42 11.87 -1.00
C ASP A 165 -4.43 12.00 -2.53
N LEU A 166 -5.56 12.46 -3.05
CA LEU A 166 -5.82 12.45 -4.49
C LEU A 166 -4.73 13.18 -5.27
N LEU A 167 -4.36 14.37 -4.81
CA LEU A 167 -3.38 15.16 -5.54
C LEU A 167 -1.96 14.94 -5.06
N GLY A 168 -1.74 14.06 -4.09
CA GLY A 168 -0.41 13.88 -3.55
C GLY A 168 0.09 15.07 -2.76
N GLU A 169 -0.82 15.81 -2.12
CA GLU A 169 -0.44 16.93 -1.26
C GLU A 169 -0.21 16.52 0.18
N LYS A 170 -0.69 15.36 0.60
CA LYS A 170 -0.53 14.94 1.97
C LYS A 170 -0.58 13.43 2.05
N ILE A 171 -0.05 12.91 3.15
CA ILE A 171 0.02 11.48 3.42
C ILE A 171 -0.68 11.24 4.76
N MET A 172 -1.46 10.17 4.84
CA MET A 172 -1.90 9.66 6.13
C MET A 172 -1.21 8.33 6.37
N SER A 173 -0.60 8.17 7.54
CA SER A 173 0.08 6.93 7.90
C SER A 173 -0.57 6.32 9.13
N CYS A 174 -0.30 5.04 9.35
CA CYS A 174 -0.88 4.39 10.52
C CYS A 174 0.00 3.23 10.95
N GLY A 175 -0.16 2.81 12.19
CA GLY A 175 0.60 1.66 12.61
C GLY A 175 0.30 1.07 13.98
N MET A 176 1.33 0.41 14.54
CA MET A 176 1.16 -0.40 15.73
C MET A 176 0.95 0.44 16.98
N ASP A 177 1.27 1.74 16.93
CA ASP A 177 0.99 2.57 18.09
C ASP A 177 -0.46 3.02 18.17
N HIS A 178 -1.33 2.44 17.34
CA HIS A 178 -2.77 2.71 17.26
C HIS A 178 -3.08 4.07 16.65
N SER A 179 -2.08 4.79 16.14
CA SER A 179 -2.32 6.16 15.71
C SER A 179 -2.41 6.27 14.19
N LEU A 180 -3.11 7.29 13.74
CA LEU A 180 -3.11 7.75 12.36
C LEU A 180 -2.54 9.15 12.36
N LYS A 181 -1.58 9.42 11.48
CA LYS A 181 -0.87 10.69 11.43
C LYS A 181 -0.86 11.27 10.02
N LEU A 182 -1.07 12.59 9.96
CA LEU A 182 -1.13 13.33 8.71
C LEU A 182 0.21 14.02 8.50
N TRP A 183 0.75 13.91 7.28
CA TRP A 183 1.99 14.59 6.94
C TRP A 183 1.77 15.34 5.64
N ARG A 184 1.82 16.68 5.71
CA ARG A 184 1.62 17.48 4.50
C ARG A 184 2.92 17.55 3.71
N ILE A 185 2.85 17.27 2.41
CA ILE A 185 4.04 17.36 1.56
C ILE A 185 3.92 18.45 0.51
N ASN A 186 2.95 19.34 0.66
CA ASN A 186 2.85 20.53 -0.16
C ASN A 186 3.28 21.78 0.62
N SER A 187 3.98 21.59 1.74
CA SER A 187 4.60 22.72 2.41
C SER A 187 5.68 23.32 1.52
N LYS A 188 6.03 24.57 1.79
CA LYS A 188 7.12 25.18 1.03
C LYS A 188 8.40 24.36 1.18
N ARG A 189 8.66 23.88 2.41
CA ARG A 189 9.85 23.07 2.67
C ARG A 189 9.85 21.79 1.82
N MET A 190 8.73 21.09 1.78
CA MET A 190 8.71 19.82 1.07
C MET A 190 8.67 20.01 -0.44
N MET A 191 7.94 21.01 -0.93
CA MET A 191 7.96 21.25 -2.38
C MET A 191 9.35 21.64 -2.84
N ASN A 192 10.06 22.43 -2.04
CA ASN A 192 11.43 22.78 -2.36
C ASN A 192 12.33 21.55 -2.33
N ALA A 193 12.14 20.67 -1.35
CA ALA A 193 12.97 19.47 -1.24
C ALA A 193 12.76 18.55 -2.44
N ILE A 194 11.52 18.41 -2.90
CA ILE A 194 11.28 17.59 -4.09
C ILE A 194 11.92 18.21 -5.31
N LYS A 195 11.82 19.53 -5.45
CA LYS A 195 12.46 20.21 -6.58
C LYS A 195 13.97 20.00 -6.56
N GLU A 196 14.58 20.16 -5.39
CA GLU A 196 16.01 19.95 -5.28
C GLU A 196 16.40 18.51 -5.58
N SER A 197 15.55 17.55 -5.19
CA SER A 197 15.87 16.15 -5.49
C SER A 197 15.95 15.92 -7.00
N TYR A 198 15.16 16.67 -7.78
CA TYR A 198 15.23 16.51 -9.22
C TYR A 198 16.45 17.17 -9.82
N ASP A 199 17.00 18.18 -9.15
CA ASP A 199 18.20 18.87 -9.63
C ASP A 199 19.49 18.19 -9.19
N TYR A 200 19.42 17.10 -8.44
CA TYR A 200 20.61 16.47 -7.88
C TYR A 200 21.19 15.46 -8.85
N ASN A 201 22.47 15.65 -9.20
CA ASN A 201 23.20 14.68 -10.01
C ASN A 201 24.56 14.51 -9.35
N PRO A 202 24.83 13.37 -8.72
CA PRO A 202 26.09 13.22 -7.97
C PRO A 202 27.33 13.30 -8.85
N ASN A 203 27.20 13.09 -10.16
CA ASN A 203 28.35 13.21 -11.04
C ASN A 203 28.69 14.66 -11.36
N LYS A 204 27.82 15.60 -11.03
CA LYS A 204 28.02 17.00 -11.36
C LYS A 204 28.23 17.88 -10.13
N THR A 205 28.34 17.29 -8.94
CA THR A 205 28.48 18.07 -7.73
C THR A 205 29.31 17.29 -6.72
N ASN A 206 29.67 17.97 -5.64
CA ASN A 206 30.42 17.37 -4.56
C ASN A 206 29.57 17.06 -3.33
N ARG A 207 28.42 17.67 -3.23
CA ARG A 207 27.61 17.53 -2.04
C ARG A 207 26.86 16.20 -2.06
N PRO A 208 26.61 15.62 -0.89
CA PRO A 208 25.58 14.60 -0.79
C PRO A 208 24.23 15.27 -0.86
N PHE A 209 23.19 14.50 -1.18
CA PHE A 209 21.85 15.07 -1.15
C PHE A 209 21.34 15.08 0.28
N ILE A 210 20.86 16.25 0.74
CA ILE A 210 20.37 16.39 2.11
C ILE A 210 18.90 15.99 2.15
N SER A 211 18.56 15.03 2.99
CA SER A 211 17.16 14.66 3.20
C SER A 211 16.53 15.52 4.28
N GLN A 212 15.25 15.85 4.10
CA GLN A 212 14.51 16.52 5.17
C GLN A 212 14.23 15.55 6.30
N LYS A 213 14.35 16.04 7.53
CA LYS A 213 13.91 15.28 8.70
C LYS A 213 12.63 15.95 9.15
N ILE A 214 11.51 15.27 8.95
CA ILE A 214 10.19 15.80 9.29
C ILE A 214 9.77 15.11 10.58
N HIS A 215 9.76 15.84 11.69
CA HIS A 215 9.58 15.21 12.99
C HIS A 215 8.25 15.53 13.63
N PHE A 216 7.36 16.25 12.94
CA PHE A 216 6.08 16.63 13.51
C PHE A 216 4.97 16.44 12.48
N PRO A 217 4.04 15.54 12.75
CA PRO A 217 2.89 15.41 11.86
C PRO A 217 1.97 16.62 11.96
N ASP A 218 1.19 16.83 10.90
CA ASP A 218 0.25 17.93 10.84
C ASP A 218 -1.08 17.62 11.50
N PHE A 219 -1.25 16.41 12.00
CA PHE A 219 -2.43 15.96 12.74
C PHE A 219 -2.12 14.55 13.22
N SER A 220 -2.65 14.18 14.39
CA SER A 220 -2.46 12.84 14.92
C SER A 220 -3.67 12.46 15.75
N THR A 221 -4.09 11.20 15.64
CA THR A 221 -5.19 10.72 16.49
C THR A 221 -4.96 9.28 16.87
N ARG A 222 -5.35 8.94 18.11
CA ARG A 222 -5.44 7.55 18.56
C ARG A 222 -6.87 7.20 18.95
N ASP A 223 -7.85 7.96 18.46
CA ASP A 223 -9.22 7.84 18.90
C ASP A 223 -10.12 7.12 17.90
N ILE A 224 -9.56 6.49 16.88
CA ILE A 224 -10.35 5.77 15.87
C ILE A 224 -10.40 4.30 16.19
N HIS A 225 -9.25 3.70 16.43
CA HIS A 225 -9.12 2.27 16.69
C HIS A 225 -8.47 2.07 18.06
N ARG A 226 -8.60 0.85 18.57
CA ARG A 226 -7.99 0.51 19.85
C ARG A 226 -6.94 -0.58 19.73
N ASN A 227 -6.37 -0.76 18.54
CA ASN A 227 -5.35 -1.77 18.32
C ASN A 227 -4.55 -1.35 17.09
N TYR A 228 -3.64 -2.24 16.65
CA TYR A 228 -2.80 -1.96 15.48
C TYR A 228 -3.64 -1.49 14.32
N VAL A 229 -3.27 -0.38 13.70
CA VAL A 229 -3.95 0.13 12.52
C VAL A 229 -3.13 -0.32 11.31
N ASP A 230 -3.69 -1.20 10.49
CA ASP A 230 -2.86 -1.85 9.49
C ASP A 230 -3.23 -1.53 8.04
N CYS A 231 -4.17 -0.63 7.80
CA CYS A 231 -4.46 -0.23 6.43
C CYS A 231 -5.22 1.09 6.47
N VAL A 232 -4.84 2.02 5.58
CA VAL A 232 -5.45 3.35 5.54
C VAL A 232 -5.53 3.79 4.09
N ARG A 233 -6.63 4.49 3.75
CA ARG A 233 -6.83 4.99 2.40
C ARG A 233 -7.63 6.28 2.48
N TRP A 234 -7.25 7.27 1.68
CA TRP A 234 -8.07 8.46 1.53
C TRP A 234 -9.28 8.16 0.67
N LEU A 235 -10.42 8.74 1.05
CA LEU A 235 -11.62 8.75 0.20
C LEU A 235 -12.01 10.21 0.07
N GLY A 236 -11.43 10.89 -0.91
CA GLY A 236 -11.57 12.33 -0.98
C GLY A 236 -10.87 12.97 0.19
N ASP A 237 -11.62 13.78 0.96
CA ASP A 237 -11.09 14.39 2.17
C ASP A 237 -11.34 13.53 3.41
N LEU A 238 -12.02 12.41 3.26
CA LEU A 238 -12.27 11.49 4.35
C LEU A 238 -11.20 10.40 4.37
N ILE A 239 -11.17 9.65 5.47
CA ILE A 239 -10.22 8.56 5.66
C ILE A 239 -10.99 7.26 5.88
N LEU A 240 -10.52 6.19 5.25
CA LEU A 240 -10.93 4.83 5.57
C LEU A 240 -9.76 4.12 6.23
N SER A 241 -9.97 3.58 7.42
CA SER A 241 -8.87 2.85 8.06
C SER A 241 -9.42 1.65 8.83
N LYS A 242 -8.57 0.65 9.00
CA LYS A 242 -8.98 -0.52 9.77
C LYS A 242 -7.89 -0.94 10.74
N SER A 243 -8.34 -1.66 11.75
CA SER A 243 -7.50 -2.34 12.72
C SER A 243 -7.84 -3.82 12.66
N CYS A 244 -7.54 -4.57 13.72
CA CYS A 244 -7.92 -5.97 13.78
C CYS A 244 -9.16 -6.16 14.64
N GLU A 245 -10.10 -5.20 14.57
CA GLU A 245 -11.31 -5.20 15.38
C GLU A 245 -12.56 -5.41 14.53
N ASN A 246 -12.40 -5.99 13.35
CA ASN A 246 -13.50 -6.37 12.46
C ASN A 246 -14.31 -5.15 12.00
N ALA A 247 -13.61 -4.04 11.74
CA ALA A 247 -14.28 -2.84 11.27
C ALA A 247 -13.35 -1.98 10.43
N ILE A 248 -13.90 -1.42 9.36
CA ILE A 248 -13.32 -0.28 8.64
C ILE A 248 -14.08 0.96 9.08
N VAL A 249 -13.37 1.96 9.60
CA VAL A 249 -13.99 3.19 10.07
C VAL A 249 -13.80 4.27 9.01
N CYS A 250 -14.88 5.00 8.71
CA CYS A 250 -14.80 6.18 7.86
C CYS A 250 -14.85 7.41 8.75
N TRP A 251 -13.81 8.25 8.67
CA TRP A 251 -13.71 9.34 9.65
C TRP A 251 -12.99 10.52 9.01
N LYS A 252 -12.99 11.65 9.70
CA LYS A 252 -12.24 12.82 9.26
C LYS A 252 -11.66 13.54 10.46
N PRO A 253 -10.52 14.19 10.30
CA PRO A 253 -10.01 15.07 11.36
C PRO A 253 -10.95 16.24 11.59
N GLY A 254 -11.03 16.69 12.84
CA GLY A 254 -11.81 17.86 13.17
C GLY A 254 -13.28 17.53 13.35
N LYS A 255 -14.06 18.60 13.47
CA LYS A 255 -15.51 18.48 13.55
C LYS A 255 -16.10 18.34 12.15
N MET A 256 -17.42 18.11 12.10
CA MET A 256 -18.08 17.75 10.85
C MET A 256 -17.81 18.75 9.74
N GLU A 257 -17.84 20.05 10.06
CA GLU A 257 -17.73 21.10 9.07
C GLU A 257 -16.30 21.58 8.85
N ASP A 258 -15.31 20.92 9.45
CA ASP A 258 -13.93 21.39 9.38
C ASP A 258 -13.26 20.97 8.07
N ASP A 259 -12.71 21.95 7.35
CA ASP A 259 -11.97 21.70 6.12
C ASP A 259 -10.64 21.03 6.45
N ILE A 260 -10.29 19.97 5.69
CA ILE A 260 -9.06 19.22 5.97
C ILE A 260 -7.84 20.11 5.87
N ASP A 261 -7.86 21.12 5.00
CA ASP A 261 -6.68 21.96 4.84
C ASP A 261 -6.62 23.10 5.84
N LYS A 262 -7.59 23.21 6.74
CA LYS A 262 -7.54 24.16 7.85
C LYS A 262 -7.24 23.46 9.17
N ILE A 263 -7.11 22.14 9.16
CA ILE A 263 -6.79 21.39 10.37
C ILE A 263 -5.39 21.76 10.84
N LYS A 264 -5.28 22.12 12.11
CA LYS A 264 -4.02 22.46 12.74
C LYS A 264 -3.45 21.26 13.49
N PRO A 265 -2.13 21.22 13.69
CA PRO A 265 -1.52 20.04 14.34
C PRO A 265 -2.02 19.79 15.75
N SER A 266 -2.60 20.79 16.43
CA SER A 266 -3.15 20.62 17.76
C SER A 266 -4.60 20.14 17.76
N GLU A 267 -5.18 19.88 16.60
CA GLU A 267 -6.58 19.49 16.53
C GLU A 267 -6.84 18.24 17.36
N SER A 268 -7.81 18.32 18.26
CA SER A 268 -8.09 17.26 19.22
C SER A 268 -9.29 16.41 18.84
N ASN A 269 -10.07 16.80 17.85
CA ASN A 269 -11.32 16.13 17.54
C ASN A 269 -11.22 15.33 16.25
N VAL A 270 -12.05 14.28 16.18
CA VAL A 270 -12.32 13.55 14.94
C VAL A 270 -13.83 13.40 14.83
N THR A 271 -14.29 13.12 13.61
CA THR A 271 -15.69 12.87 13.33
C THR A 271 -15.82 11.51 12.65
N ILE A 272 -16.69 10.65 13.18
CA ILE A 272 -16.93 9.32 12.62
C ILE A 272 -18.14 9.40 11.70
N LEU A 273 -17.93 9.08 10.42
CA LEU A 273 -18.98 9.17 9.41
C LEU A 273 -19.63 7.82 9.11
N GLY A 274 -19.04 6.73 9.60
CA GLY A 274 -19.64 5.42 9.40
C GLY A 274 -18.65 4.36 9.78
N ARG A 275 -19.15 3.13 9.87
CA ARG A 275 -18.27 2.01 10.13
C ARG A 275 -18.81 0.78 9.43
N PHE A 276 -17.94 0.09 8.68
CA PHE A 276 -18.29 -1.12 7.95
C PHE A 276 -17.79 -2.32 8.74
N ASP A 277 -18.71 -3.03 9.39
CA ASP A 277 -18.31 -4.19 10.16
C ASP A 277 -18.29 -5.44 9.29
N TYR A 278 -17.52 -6.42 9.73
CA TYR A 278 -17.42 -7.72 9.07
C TYR A 278 -16.99 -8.71 10.16
N SER A 279 -16.60 -9.93 9.77
CA SER A 279 -16.32 -10.96 10.76
C SER A 279 -14.96 -11.60 10.51
N GLN A 280 -14.42 -12.19 11.58
CA GLN A 280 -13.27 -13.10 11.55
C GLN A 280 -12.07 -12.48 10.83
N CYS A 281 -11.67 -11.29 11.29
CA CYS A 281 -10.47 -10.64 10.80
C CYS A 281 -9.73 -10.04 12.00
N ASP A 282 -9.31 -10.93 12.91
CA ASP A 282 -8.69 -10.62 14.19
C ASP A 282 -7.18 -10.57 14.15
N ILE A 283 -6.56 -11.00 13.05
CA ILE A 283 -5.12 -10.97 12.89
C ILE A 283 -4.75 -9.67 12.18
N TRP A 284 -3.51 -9.21 12.39
CA TRP A 284 -3.08 -7.98 11.76
C TRP A 284 -2.30 -8.26 10.48
N TYR A 285 -2.11 -7.20 9.69
CA TYR A 285 -1.56 -7.22 8.33
C TYR A 285 -2.58 -7.84 7.37
N MET A 286 -3.75 -7.20 7.31
CA MET A 286 -4.85 -7.61 6.43
C MET A 286 -5.34 -6.33 5.75
N ARG A 287 -5.13 -6.24 4.43
CA ARG A 287 -5.29 -4.99 3.71
C ARG A 287 -6.53 -5.00 2.83
N PHE A 288 -7.28 -3.90 2.85
CA PHE A 288 -8.34 -3.74 1.87
C PHE A 288 -7.80 -2.96 0.66
N SER A 289 -8.54 -3.02 -0.45
CA SER A 289 -8.15 -2.27 -1.63
C SER A 289 -9.38 -1.63 -2.24
N MET A 290 -9.16 -0.66 -3.11
CA MET A 290 -10.24 -0.01 -3.85
C MET A 290 -9.97 -0.10 -5.35
N ASP A 291 -11.03 0.02 -6.13
CA ASP A 291 -10.89 0.09 -7.58
C ASP A 291 -10.32 1.45 -7.98
N PHE A 292 -9.97 1.57 -9.26
CA PHE A 292 -9.35 2.79 -9.76
C PHE A 292 -10.21 4.02 -9.47
N TRP A 293 -11.52 3.91 -9.66
CA TRP A 293 -12.39 5.06 -9.51
C TRP A 293 -12.82 5.31 -8.07
N GLN A 294 -12.47 4.41 -7.15
CA GLN A 294 -12.88 4.47 -5.74
C GLN A 294 -14.39 4.36 -5.60
N LYS A 295 -14.99 3.56 -6.47
CA LYS A 295 -16.39 3.18 -6.33
C LYS A 295 -16.61 1.98 -5.43
N MET A 296 -15.59 1.15 -5.23
CA MET A 296 -15.78 -0.03 -4.40
C MET A 296 -14.55 -0.33 -3.58
N LEU A 297 -14.77 -1.11 -2.53
CA LEU A 297 -13.75 -1.49 -1.56
C LEU A 297 -13.86 -2.97 -1.31
N ALA A 298 -12.73 -3.68 -1.30
CA ALA A 298 -12.73 -5.11 -1.07
C ALA A 298 -11.77 -5.46 0.05
N LEU A 299 -12.18 -6.41 0.90
CA LEU A 299 -11.37 -6.88 2.02
C LEU A 299 -11.63 -8.37 2.20
N GLY A 300 -10.55 -9.14 2.36
CA GLY A 300 -10.68 -10.54 2.72
C GLY A 300 -10.47 -10.74 4.21
N ASN A 301 -11.09 -11.80 4.76
CA ASN A 301 -10.89 -12.06 6.18
C ASN A 301 -10.00 -13.30 6.38
N GLN A 302 -9.85 -13.73 7.64
CA GLN A 302 -8.82 -14.72 7.92
C GLN A 302 -9.27 -16.16 7.66
N VAL A 303 -10.51 -16.37 7.22
CA VAL A 303 -11.01 -17.68 6.81
C VAL A 303 -11.46 -17.70 5.35
N GLY A 304 -10.97 -16.77 4.54
CA GLY A 304 -11.15 -16.85 3.11
C GLY A 304 -12.43 -16.26 2.56
N LYS A 305 -13.12 -15.41 3.31
CA LYS A 305 -14.32 -14.74 2.83
C LYS A 305 -13.98 -13.33 2.35
N LEU A 306 -14.58 -12.93 1.24
CA LEU A 306 -14.38 -11.60 0.67
C LEU A 306 -15.59 -10.72 0.93
N TYR A 307 -15.34 -9.49 1.37
CA TYR A 307 -16.37 -8.47 1.51
C TYR A 307 -16.10 -7.38 0.48
N VAL A 308 -17.15 -6.97 -0.24
CA VAL A 308 -17.03 -5.89 -1.22
C VAL A 308 -18.10 -4.86 -0.93
N TRP A 309 -17.68 -3.61 -0.70
CA TRP A 309 -18.62 -2.52 -0.42
C TRP A 309 -18.72 -1.59 -1.62
N ASP A 310 -19.95 -1.30 -2.01
CA ASP A 310 -20.28 -0.32 -3.04
C ASP A 310 -20.38 1.04 -2.37
N LEU A 311 -19.46 1.95 -2.70
CA LEU A 311 -19.41 3.27 -2.09
C LEU A 311 -20.07 4.34 -2.96
N GLU A 312 -20.73 3.94 -4.05
CA GLU A 312 -21.43 4.86 -4.94
C GLU A 312 -22.81 5.15 -4.34
N VAL A 313 -22.79 5.84 -3.20
CA VAL A 313 -23.96 6.20 -2.41
C VAL A 313 -23.72 7.61 -1.83
N GLU A 314 -24.79 8.23 -1.34
CA GLU A 314 -24.71 9.66 -0.99
C GLU A 314 -23.83 9.95 0.22
N ASP A 315 -23.73 9.01 1.15
CA ASP A 315 -22.99 9.22 2.38
C ASP A 315 -22.28 7.92 2.72
N PRO A 316 -21.13 7.99 3.42
CA PRO A 316 -20.34 6.76 3.63
C PRO A 316 -21.10 5.65 4.33
N HIS A 317 -21.93 5.98 5.32
CA HIS A 317 -22.58 4.92 6.08
C HIS A 317 -23.66 4.19 5.30
N LYS A 318 -23.97 4.63 4.08
CA LYS A 318 -24.94 3.95 3.23
C LYS A 318 -24.31 2.92 2.31
N ALA A 319 -23.02 2.64 2.48
CA ALA A 319 -22.34 1.69 1.59
C ALA A 319 -23.05 0.35 1.59
N LYS A 320 -23.05 -0.30 0.42
CA LYS A 320 -23.78 -1.54 0.21
C LYS A 320 -22.79 -2.69 0.13
N CYS A 321 -22.99 -3.70 0.96
CA CYS A 321 -22.05 -4.80 1.07
C CYS A 321 -22.53 -6.03 0.30
N THR A 322 -21.58 -6.67 -0.38
CA THR A 322 -21.75 -7.96 -1.02
C THR A 322 -20.65 -8.88 -0.50
N THR A 323 -20.95 -10.17 -0.37
CA THR A 323 -19.93 -11.10 0.08
C THR A 323 -19.70 -12.18 -0.95
N LEU A 324 -18.46 -12.65 -1.04
CA LEU A 324 -18.04 -13.65 -2.01
C LEU A 324 -17.33 -14.77 -1.26
N THR A 325 -17.83 -16.00 -1.39
CA THR A 325 -17.24 -17.15 -0.74
C THR A 325 -17.08 -18.28 -1.74
N HIS A 326 -16.12 -19.16 -1.44
CA HIS A 326 -15.88 -20.38 -2.19
C HIS A 326 -15.53 -21.48 -1.20
N HIS A 327 -16.11 -22.66 -1.39
CA HIS A 327 -15.94 -23.72 -0.39
C HIS A 327 -14.50 -24.20 -0.27
N LYS A 328 -13.67 -23.98 -1.30
CA LYS A 328 -12.27 -24.37 -1.24
C LYS A 328 -11.35 -23.24 -0.79
N CYS A 329 -11.88 -22.02 -0.60
CA CYS A 329 -11.06 -20.88 -0.21
C CYS A 329 -11.25 -20.69 1.29
N GLY A 330 -10.29 -21.18 2.07
CA GLY A 330 -10.42 -21.18 3.51
C GLY A 330 -9.26 -20.56 4.28
N ALA A 331 -8.22 -20.12 3.57
CA ALA A 331 -7.08 -19.51 4.22
C ALA A 331 -7.22 -17.99 4.26
N ALA A 332 -6.46 -17.36 5.15
CA ALA A 332 -6.54 -15.91 5.32
C ALA A 332 -6.17 -15.19 4.03
N ILE A 333 -7.00 -14.23 3.65
CA ILE A 333 -6.77 -13.38 2.48
C ILE A 333 -6.02 -12.13 2.94
N ARG A 334 -4.80 -11.96 2.47
CA ARG A 334 -3.96 -10.85 2.93
C ARG A 334 -4.20 -9.56 2.19
N GLN A 335 -4.55 -9.64 0.91
CA GLN A 335 -4.74 -8.45 0.11
C GLN A 335 -5.56 -8.82 -1.11
N THR A 336 -6.27 -7.84 -1.64
CA THR A 336 -7.01 -7.96 -2.88
C THR A 336 -6.53 -6.90 -3.86
N SER A 337 -6.85 -7.09 -5.13
CA SER A 337 -6.57 -6.07 -6.14
C SER A 337 -7.61 -6.16 -7.25
N PHE A 338 -8.17 -5.02 -7.62
CA PHE A 338 -9.03 -4.90 -8.80
C PHE A 338 -8.20 -4.57 -10.03
N SER A 339 -8.60 -5.13 -11.17
CA SER A 339 -8.06 -4.62 -12.43
C SER A 339 -8.54 -3.18 -12.63
N ARG A 340 -7.86 -2.47 -13.54
CA ARG A 340 -8.15 -1.05 -13.71
C ARG A 340 -9.56 -0.83 -14.24
N ASP A 341 -10.04 -1.74 -15.10
CA ASP A 341 -11.41 -1.64 -15.59
C ASP A 341 -12.42 -2.26 -14.64
N SER A 342 -11.97 -2.75 -13.47
CA SER A 342 -12.79 -3.30 -12.40
C SER A 342 -13.48 -4.60 -12.79
N SER A 343 -13.07 -5.24 -13.87
CA SER A 343 -13.72 -6.47 -14.30
C SER A 343 -13.19 -7.71 -13.62
N ILE A 344 -12.05 -7.62 -12.93
CA ILE A 344 -11.44 -8.76 -12.26
C ILE A 344 -11.03 -8.34 -10.87
N LEU A 345 -11.26 -9.21 -9.90
CA LEU A 345 -10.78 -9.04 -8.53
C LEU A 345 -9.93 -10.26 -8.18
N ILE A 346 -8.69 -10.02 -7.75
CA ILE A 346 -7.79 -11.09 -7.33
C ILE A 346 -7.60 -11.01 -5.82
N ALA A 347 -7.64 -12.17 -5.15
CA ALA A 347 -7.32 -12.29 -3.73
C ALA A 347 -6.17 -13.27 -3.54
N VAL A 348 -5.25 -12.96 -2.62
CA VAL A 348 -4.12 -13.86 -2.35
C VAL A 348 -4.11 -14.21 -0.87
N CYS A 349 -3.56 -15.41 -0.56
CA CYS A 349 -3.86 -16.10 0.69
C CYS A 349 -2.60 -16.57 1.41
N ASP A 350 -2.78 -16.88 2.70
CA ASP A 350 -1.68 -17.37 3.53
C ASP A 350 -1.18 -18.75 3.13
N ASP A 351 -1.96 -19.52 2.37
CA ASP A 351 -1.50 -20.82 1.91
C ASP A 351 -0.90 -20.77 0.50
N ALA A 352 -0.51 -19.58 0.04
CA ALA A 352 0.08 -19.32 -1.26
C ALA A 352 -0.92 -19.46 -2.41
N SER A 353 -2.22 -19.48 -2.13
CA SER A 353 -3.21 -19.59 -3.17
C SER A 353 -3.64 -18.22 -3.69
N ILE A 354 -4.10 -18.21 -4.94
CA ILE A 354 -4.52 -17.01 -5.67
C ILE A 354 -5.91 -17.29 -6.21
N TRP A 355 -6.84 -16.36 -5.99
CA TRP A 355 -8.24 -16.56 -6.36
C TRP A 355 -8.69 -15.45 -7.31
N ARG A 356 -9.28 -15.84 -8.43
CA ARG A 356 -9.70 -14.91 -9.46
C ARG A 356 -11.22 -14.83 -9.54
N TRP A 357 -11.76 -13.63 -9.39
CA TRP A 357 -13.20 -13.38 -9.45
C TRP A 357 -13.46 -12.42 -10.60
N ASP A 358 -14.33 -12.82 -11.54
CA ASP A 358 -14.65 -12.02 -12.70
C ASP A 358 -16.06 -11.46 -12.57
N ARG A 359 -16.24 -10.22 -12.98
CA ARG A 359 -17.57 -9.63 -12.94
C ARG A 359 -18.35 -9.97 -14.20
N LEU B 1 -2.44 -11.08 20.48
CA LEU B 1 -2.45 -10.46 19.16
C LEU B 1 -1.47 -11.14 18.21
N GLN B 2 -1.98 -11.68 17.11
CA GLN B 2 -1.16 -12.50 16.23
C GLN B 2 -1.23 -12.00 14.80
N TYR B 4 -0.75 -14.22 12.42
CA TYR B 4 -1.23 -15.40 11.71
C TYR B 4 -2.42 -16.07 12.41
N ALA B 5 -3.32 -16.65 11.62
CA ALA B 5 -4.52 -17.30 12.15
C ALA B 5 -4.15 -18.52 12.95
#